data_9RCG
#
_entry.id   9RCG
#
_cell.length_a   66.02
_cell.length_b   66.02
_cell.length_c   262.51
_cell.angle_alpha   90.000
_cell.angle_beta   90.000
_cell.angle_gamma   120.000
#
_symmetry.space_group_name_H-M   'P 65 2 2'
#
loop_
_entity.id
_entity.type
_entity.pdbx_description
1 polymer 'Vitamin D3 receptor A'
2 polymer 'Nuclear receptor coactivator 2'
3 non-polymer 4-[4-[3-[5-[(3~{S})-4,4-dimethyl-3-oxidanyl-pentyl]-4-methyl-1,3-thiazol-2-yl]pentan-3-yl]phenoxy]-~{N}-oxidanyl-butanamide
4 water water
#
loop_
_entity_poly.entity_id
_entity_poly.type
_entity_poly.pdbx_seq_one_letter_code
_entity_poly.pdbx_strand_id
1 'polypeptide(L)'
;GSHMLSDEQMQIINSLVEAHHKTYDDSYSDFVRFRPPVREGPVTRSASRAASLHSLSDASSDSFNHSPESVDTKLNFSNL
LMMYQDSGSPDSSEEDQQSRLSMLPHLADLVSYSIQKVIGFAKMIPGFRDLTAEDQIALLKSSAIEIIMLRSNQSFSLED
MSWSCGGPDFKYCINDVTKAGHTLELLEPLVKFQVGLKKLKLHEEEHVLLMAICLLSPDRPGVQDHVRIEALQDRLCDVL
QAYIRIQHPGGRLLYAKMIQKLADLRSLNEEHSKQYRSLSFQPEHSMQLTPLVLEVFGSEVS
;
A
2 'polypeptide(L)' KHKILHRLLQDSS B
#
# COMPACT_ATOMS: atom_id res chain seq x y z
N HIS A 3 3.94 -17.25 26.13
CA HIS A 3 3.36 -17.91 24.96
C HIS A 3 1.88 -17.55 24.82
N MET A 4 1.59 -16.25 24.89
CA MET A 4 0.23 -15.76 24.86
C MET A 4 0.27 -14.27 24.54
N LEU A 5 -0.75 -13.78 23.83
CA LEU A 5 -0.86 -12.38 23.48
C LEU A 5 -1.52 -11.59 24.61
N SER A 6 -1.08 -10.35 24.79
CA SER A 6 -1.63 -9.53 25.86
C SER A 6 -2.91 -8.85 25.41
N ASP A 7 -3.60 -8.24 26.38
CA ASP A 7 -4.82 -7.52 26.09
C ASP A 7 -4.57 -6.38 25.10
N GLU A 8 -3.50 -5.63 25.31
CA GLU A 8 -3.20 -4.51 24.44
C GLU A 8 -2.83 -4.99 23.04
N GLN A 9 -2.12 -6.11 22.94
CA GLN A 9 -1.76 -6.63 21.63
C GLN A 9 -3.00 -7.11 20.88
N MET A 10 -3.92 -7.75 21.59
CA MET A 10 -5.14 -8.23 20.96
C MET A 10 -6.00 -7.08 20.47
N GLN A 11 -6.10 -6.01 21.28
CA GLN A 11 -6.81 -4.81 20.85
C GLN A 11 -6.22 -4.24 19.57
N ILE A 12 -4.89 -4.17 19.48
CA ILE A 12 -4.24 -3.62 18.29
C ILE A 12 -4.60 -4.43 17.06
N ILE A 13 -4.61 -5.76 17.18
CA ILE A 13 -4.98 -6.60 16.05
C ILE A 13 -6.43 -6.34 15.64
N ASN A 14 -7.34 -6.32 16.62
CA ASN A 14 -8.75 -6.09 16.31
C ASN A 14 -8.96 -4.74 15.64
N SER A 15 -8.24 -3.72 16.10
CA SER A 15 -8.34 -2.39 15.49
C SER A 15 -7.87 -2.42 14.05
N LEU A 16 -6.74 -3.08 13.80
CA LEU A 16 -6.17 -3.04 12.45
C LEU A 16 -7.00 -3.86 11.48
N VAL A 17 -7.51 -5.00 11.92
CA VAL A 17 -8.36 -5.83 11.06
C VAL A 17 -9.64 -5.08 10.73
N GLU A 18 -10.25 -4.41 11.72
CA GLU A 18 -11.46 -3.65 11.44
C GLU A 18 -11.18 -2.49 10.50
N ALA A 19 -10.07 -1.78 10.71
CA ALA A 19 -9.69 -0.68 9.82
C ALA A 19 -9.54 -1.17 8.39
N HIS A 20 -8.96 -2.35 8.20
CA HIS A 20 -8.80 -2.90 6.86
C HIS A 20 -10.14 -3.26 6.24
N HIS A 21 -11.04 -3.89 7.01
CA HIS A 21 -12.35 -4.22 6.45
C HIS A 21 -13.14 -2.98 6.08
N LYS A 22 -12.92 -1.86 6.78
CA LYS A 22 -13.63 -0.63 6.51
C LYS A 22 -13.09 0.12 5.30
N THR A 23 -11.92 -0.28 4.79
CA THR A 23 -11.27 0.41 3.70
C THR A 23 -10.88 -0.52 2.56
N TYR A 24 -11.34 -1.78 2.58
CA TYR A 24 -11.10 -2.69 1.48
C TYR A 24 -12.43 -3.34 1.12
N ASP A 25 -12.88 -3.12 -0.12
CA ASP A 25 -14.19 -3.56 -0.58
C ASP A 25 -13.99 -4.84 -1.38
N ASP A 26 -14.31 -5.98 -0.76
CA ASP A 26 -14.22 -7.27 -1.45
C ASP A 26 -15.14 -7.36 -2.66
N SER A 27 -16.13 -6.47 -2.82
CA SER A 27 -17.01 -6.55 -3.98
C SER A 27 -16.47 -5.78 -5.19
N TYR A 28 -15.47 -4.92 -5.01
CA TYR A 28 -14.87 -4.15 -6.10
C TYR A 28 -15.94 -3.35 -6.87
N SER A 29 -17.00 -2.95 -6.17
CA SER A 29 -18.14 -2.36 -6.86
C SER A 29 -17.89 -0.90 -7.25
N ASP A 30 -16.86 -0.26 -6.72
CA ASP A 30 -16.54 1.10 -7.14
C ASP A 30 -15.75 1.14 -8.44
N PHE A 31 -15.23 0.00 -8.89
CA PHE A 31 -14.43 -0.01 -10.11
C PHE A 31 -15.23 0.45 -11.33
N VAL A 32 -16.55 0.25 -11.32
CA VAL A 32 -17.35 0.67 -12.46
C VAL A 32 -17.48 2.19 -12.54
N ARG A 33 -17.05 2.92 -11.50
CA ARG A 33 -17.09 4.37 -11.53
C ARG A 33 -15.78 4.99 -11.99
N PHE A 34 -14.72 4.20 -12.16
CA PHE A 34 -13.49 4.69 -12.77
C PHE A 34 -13.70 4.90 -14.27
N ARG A 35 -12.86 5.75 -14.86
CA ARG A 35 -12.76 5.80 -16.31
C ARG A 35 -12.46 4.39 -16.81
N PRO A 36 -13.19 3.90 -17.80
CA PRO A 36 -13.14 2.47 -18.13
C PRO A 36 -11.77 2.05 -18.62
N PRO A 37 -11.45 0.75 -18.53
CA PRO A 37 -10.23 0.24 -19.17
C PRO A 37 -10.34 0.29 -20.67
N VAL A 38 -9.23 0.59 -21.32
CA VAL A 38 -9.10 0.51 -22.78
C VAL A 38 -7.87 -0.31 -23.07
N ARG A 39 -8.06 -1.46 -23.71
CA ARG A 39 -6.97 -2.38 -23.98
C ARG A 39 -6.76 -2.58 -25.48
N ARG A 100 0.31 4.66 -27.51
CA ARG A 100 -0.39 5.46 -26.51
C ARG A 100 -0.68 4.67 -25.25
N LEU A 101 -0.94 5.39 -24.17
CA LEU A 101 -1.11 4.78 -22.84
C LEU A 101 -2.60 4.59 -22.55
N SER A 102 -3.18 3.61 -23.23
CA SER A 102 -4.64 3.46 -23.21
C SER A 102 -5.17 3.06 -21.83
N MET A 103 -4.36 2.40 -21.01
CA MET A 103 -4.80 2.00 -19.68
C MET A 103 -4.53 3.05 -18.61
N LEU A 104 -3.86 4.15 -18.96
CA LEU A 104 -3.53 5.16 -17.96
C LEU A 104 -4.76 5.76 -17.28
N PRO A 105 -5.82 6.18 -17.99
CA PRO A 105 -6.97 6.75 -17.25
C PRO A 105 -7.52 5.78 -16.21
N HIS A 106 -7.79 4.53 -16.59
CA HIS A 106 -8.40 3.60 -15.65
C HIS A 106 -7.48 3.33 -14.46
N LEU A 107 -6.19 3.09 -14.73
CA LEU A 107 -5.29 2.75 -13.62
C LEU A 107 -4.97 3.96 -12.75
N ALA A 108 -4.96 5.17 -13.35
CA ALA A 108 -4.85 6.39 -12.53
C ALA A 108 -6.01 6.48 -11.56
N ASP A 109 -7.22 6.21 -12.03
CA ASP A 109 -8.39 6.24 -11.14
C ASP A 109 -8.31 5.14 -10.09
N LEU A 110 -7.91 3.93 -10.51
CA LEU A 110 -7.73 2.85 -9.52
C LEU A 110 -6.78 3.27 -8.42
N VAL A 111 -5.61 3.79 -8.79
CA VAL A 111 -4.61 4.17 -7.81
C VAL A 111 -5.10 5.33 -6.95
N SER A 112 -5.81 6.29 -7.54
CA SER A 112 -6.34 7.40 -6.77
C SER A 112 -7.31 6.90 -5.69
N TYR A 113 -8.27 6.06 -6.10
CA TYR A 113 -9.14 5.37 -5.16
C TYR A 113 -8.35 4.65 -4.06
N SER A 114 -7.31 3.91 -4.46
CA SER A 114 -6.47 3.17 -3.50
C SER A 114 -5.82 4.10 -2.49
N ILE A 115 -5.30 5.24 -2.95
CA ILE A 115 -4.66 6.18 -2.03
C ILE A 115 -5.66 6.63 -0.96
N GLN A 116 -6.89 6.94 -1.37
CA GLN A 116 -7.94 7.32 -0.42
C GLN A 116 -8.16 6.25 0.65
N LYS A 117 -8.22 4.99 0.23
CA LYS A 117 -8.39 3.90 1.19
C LYS A 117 -7.17 3.77 2.10
N VAL A 118 -5.96 3.91 1.54
CA VAL A 118 -4.75 3.81 2.35
C VAL A 118 -4.74 4.91 3.41
N ILE A 119 -5.18 6.12 3.05
CA ILE A 119 -5.29 7.21 4.01
C ILE A 119 -6.31 6.88 5.08
N GLY A 120 -7.44 6.28 4.70
CA GLY A 120 -8.44 5.91 5.68
C GLY A 120 -7.93 4.84 6.62
N PHE A 121 -7.14 3.90 6.10
CA PHE A 121 -6.56 2.85 6.95
C PHE A 121 -5.54 3.46 7.91
N ALA A 122 -4.62 4.28 7.39
CA ALA A 122 -3.63 4.97 8.21
C ALA A 122 -4.26 5.68 9.40
N LYS A 123 -5.37 6.41 9.18
CA LYS A 123 -6.00 7.18 10.25
C LYS A 123 -6.51 6.30 11.38
N MET A 124 -6.71 5.01 11.14
CA MET A 124 -7.16 4.09 12.18
C MET A 124 -6.03 3.25 12.75
N ILE A 125 -4.79 3.49 12.33
CA ILE A 125 -3.66 2.84 12.97
C ILE A 125 -3.47 3.48 14.34
N PRO A 126 -3.48 2.70 15.45
CA PRO A 126 -3.25 3.26 16.78
C PRO A 126 -2.02 4.15 16.85
N GLY A 127 -2.19 5.42 17.25
CA GLY A 127 -1.09 6.34 17.35
C GLY A 127 -0.84 7.21 16.13
N PHE A 128 -1.34 6.80 14.95
CA PHE A 128 -1.04 7.56 13.74
C PHE A 128 -1.67 8.94 13.79
N ARG A 129 -2.92 9.04 14.25
CA ARG A 129 -3.58 10.35 14.27
C ARG A 129 -2.97 11.28 15.31
N ASP A 130 -2.22 10.75 16.29
CA ASP A 130 -1.57 11.63 17.24
C ASP A 130 -0.28 12.22 16.72
N LEU A 131 0.21 11.76 15.57
CA LEU A 131 1.38 12.39 14.96
C LEU A 131 1.01 13.77 14.42
N THR A 132 2.04 14.57 14.16
CA THR A 132 1.81 15.86 13.53
C THR A 132 1.31 15.66 12.09
N ALA A 133 0.56 16.64 11.61
CA ALA A 133 0.07 16.56 10.24
C ALA A 133 1.23 16.37 9.27
N GLU A 134 2.35 17.05 9.54
CA GLU A 134 3.51 16.94 8.65
C GLU A 134 4.10 15.53 8.67
N ASP A 135 4.16 14.89 9.83
CA ASP A 135 4.67 13.52 9.84
C ASP A 135 3.69 12.56 9.19
N GLN A 136 2.38 12.77 9.36
CA GLN A 136 1.42 11.89 8.70
C GLN A 136 1.57 11.96 7.19
N ILE A 137 1.69 13.18 6.65
CA ILE A 137 1.88 13.37 5.21
C ILE A 137 3.19 12.73 4.76
N ALA A 138 4.28 13.01 5.49
CA ALA A 138 5.58 12.43 5.15
C ALA A 138 5.50 10.91 5.09
N LEU A 139 4.84 10.28 6.07
CA LEU A 139 4.73 8.83 6.05
C LEU A 139 3.90 8.35 4.86
N LEU A 140 2.80 9.05 4.56
CA LEU A 140 1.94 8.59 3.48
C LEU A 140 2.60 8.79 2.12
N LYS A 141 3.25 9.94 1.91
CA LYS A 141 3.86 10.19 0.60
C LYS A 141 4.95 9.18 0.28
N SER A 142 5.71 8.77 1.29
CA SER A 142 6.77 7.80 1.07
C SER A 142 6.26 6.37 0.97
N SER A 143 5.20 6.03 1.69
CA SER A 143 4.82 4.62 1.79
C SER A 143 3.59 4.25 0.98
N ALA A 144 2.82 5.23 0.48
CA ALA A 144 1.54 4.91 -0.14
C ALA A 144 1.71 3.87 -1.25
N ILE A 145 2.71 4.07 -2.12
CA ILE A 145 2.87 3.12 -3.23
C ILE A 145 3.16 1.71 -2.69
N GLU A 146 3.89 1.62 -1.59
CA GLU A 146 4.18 0.31 -1.00
C GLU A 146 2.93 -0.30 -0.38
N ILE A 147 2.10 0.52 0.27
CA ILE A 147 0.86 -0.03 0.85
C ILE A 147 -0.07 -0.49 -0.26
N ILE A 148 -0.07 0.23 -1.38
CA ILE A 148 -0.89 -0.16 -2.52
C ILE A 148 -0.41 -1.50 -3.06
N MET A 149 0.91 -1.66 -3.20
CA MET A 149 1.46 -2.93 -3.68
C MET A 149 1.11 -4.07 -2.73
N LEU A 150 1.17 -3.80 -1.42
CA LEU A 150 0.83 -4.83 -0.43
C LEU A 150 -0.65 -5.18 -0.52
N ARG A 151 -1.52 -4.18 -0.53
CA ARG A 151 -2.93 -4.50 -0.48
C ARG A 151 -3.46 -5.02 -1.81
N SER A 152 -2.74 -4.77 -2.92
CA SER A 152 -3.10 -5.42 -4.18
C SER A 152 -2.89 -6.93 -4.14
N ASN A 153 -2.12 -7.43 -3.17
CA ASN A 153 -1.85 -8.87 -3.13
C ASN A 153 -3.11 -9.68 -2.89
N GLN A 154 -4.11 -9.10 -2.23
CA GLN A 154 -5.37 -9.82 -2.00
C GLN A 154 -6.05 -10.22 -3.30
N SER A 155 -6.03 -9.35 -4.32
CA SER A 155 -6.63 -9.67 -5.60
C SER A 155 -5.68 -10.39 -6.55
N PHE A 156 -4.40 -10.53 -6.18
CA PHE A 156 -3.46 -11.24 -7.04
C PHE A 156 -3.75 -12.74 -7.02
N SER A 157 -3.54 -13.39 -8.16
CA SER A 157 -3.84 -14.81 -8.31
C SER A 157 -2.62 -15.51 -8.87
N LEU A 158 -2.14 -16.53 -8.14
CA LEU A 158 -1.05 -17.38 -8.62
C LEU A 158 -1.39 -18.12 -9.89
N GLU A 159 -2.68 -18.34 -10.16
CA GLU A 159 -3.09 -19.19 -11.27
C GLU A 159 -2.79 -18.56 -12.63
N ASP A 160 -2.89 -17.23 -12.74
CA ASP A 160 -2.54 -16.59 -14.01
C ASP A 160 -1.74 -15.30 -13.82
N MET A 161 -1.12 -15.12 -12.66
CA MET A 161 -0.18 -14.01 -12.43
C MET A 161 -0.83 -12.68 -12.75
N SER A 162 -2.09 -12.51 -12.34
CA SER A 162 -2.80 -11.28 -12.62
C SER A 162 -3.55 -10.87 -11.37
N TRP A 163 -4.11 -9.66 -11.43
CA TRP A 163 -4.89 -9.07 -10.34
C TRP A 163 -6.35 -9.09 -10.81
N SER A 164 -7.18 -9.91 -10.16
CA SER A 164 -8.59 -10.03 -10.51
C SER A 164 -9.43 -9.27 -9.51
N CYS A 165 -9.96 -8.12 -9.94
CA CYS A 165 -10.80 -7.32 -9.06
C CYS A 165 -12.27 -7.38 -9.48
N GLY A 166 -12.89 -8.55 -9.38
CA GLY A 166 -14.28 -8.65 -9.76
C GLY A 166 -14.48 -9.32 -11.10
N GLY A 167 -14.89 -8.56 -12.11
CA GLY A 167 -15.22 -9.13 -13.39
C GLY A 167 -14.06 -9.17 -14.37
N PRO A 168 -14.30 -9.72 -15.57
CA PRO A 168 -13.23 -9.77 -16.58
C PRO A 168 -12.76 -8.39 -17.02
N ASP A 169 -13.58 -7.35 -16.88
CA ASP A 169 -13.12 -6.02 -17.25
C ASP A 169 -12.09 -5.48 -16.29
N PHE A 170 -12.13 -5.91 -15.03
CA PHE A 170 -11.22 -5.44 -14.00
C PHE A 170 -10.27 -6.56 -13.60
N LYS A 171 -9.77 -7.27 -14.61
CA LYS A 171 -8.71 -8.26 -14.49
C LYS A 171 -7.47 -7.72 -15.19
N TYR A 172 -6.42 -7.47 -14.43
CA TYR A 172 -5.24 -6.79 -14.94
C TYR A 172 -4.06 -7.74 -14.99
N CYS A 173 -3.38 -7.76 -16.14
CA CYS A 173 -2.11 -8.45 -16.30
C CYS A 173 -1.00 -7.43 -16.52
N ILE A 174 0.22 -7.95 -16.64
CA ILE A 174 1.42 -7.13 -16.82
C ILE A 174 1.27 -6.21 -18.03
N ASN A 175 0.74 -6.76 -19.13
CA ASN A 175 0.60 -5.96 -20.35
C ASN A 175 -0.30 -4.76 -20.12
N ASP A 176 -1.31 -4.89 -19.26
CA ASP A 176 -2.20 -3.76 -18.98
C ASP A 176 -1.43 -2.62 -18.31
N VAL A 177 -0.52 -2.95 -17.40
CA VAL A 177 0.21 -1.89 -16.70
C VAL A 177 1.26 -1.26 -17.62
N THR A 178 1.76 -1.99 -18.62
CA THR A 178 2.64 -1.33 -19.58
C THR A 178 1.87 -0.30 -20.39
N LYS A 179 0.57 -0.52 -20.61
CA LYS A 179 -0.26 0.44 -21.30
C LYS A 179 -0.69 1.59 -20.40
N ALA A 180 -0.16 1.67 -19.18
CA ALA A 180 -0.27 2.85 -18.35
C ALA A 180 1.07 3.57 -18.18
N GLY A 181 2.11 3.14 -18.89
CA GLY A 181 3.39 3.81 -18.88
C GLY A 181 4.51 3.13 -18.10
N HIS A 182 4.31 1.90 -17.61
CA HIS A 182 5.36 1.21 -16.86
C HIS A 182 6.04 0.15 -17.71
N THR A 183 7.26 -0.20 -17.32
CA THR A 183 8.08 -1.15 -18.05
C THR A 183 8.33 -2.39 -17.21
N LEU A 184 8.92 -3.40 -17.86
CA LEU A 184 9.22 -4.65 -17.19
C LEU A 184 10.24 -4.50 -16.07
N GLU A 185 11.05 -3.43 -16.13
CA GLU A 185 12.00 -3.18 -15.04
C GLU A 185 11.29 -2.98 -13.71
N LEU A 186 10.05 -2.50 -13.74
CA LEU A 186 9.21 -2.48 -12.56
C LEU A 186 8.30 -3.69 -12.46
N LEU A 187 7.70 -4.10 -13.58
CA LEU A 187 6.63 -5.08 -13.53
C LEU A 187 7.14 -6.50 -13.31
N GLU A 188 8.32 -6.83 -13.82
CA GLU A 188 8.88 -8.14 -13.52
C GLU A 188 9.16 -8.30 -12.03
N PRO A 189 9.88 -7.40 -11.36
CA PRO A 189 10.04 -7.55 -9.90
C PRO A 189 8.72 -7.44 -9.16
N LEU A 190 7.78 -6.62 -9.65
CA LEU A 190 6.51 -6.48 -8.95
C LEU A 190 5.76 -7.82 -8.90
N VAL A 191 5.72 -8.54 -10.02
CA VAL A 191 5.01 -9.82 -10.05
C VAL A 191 5.73 -10.85 -9.22
N LYS A 192 7.06 -10.89 -9.30
CA LYS A 192 7.80 -11.83 -8.46
C LYS A 192 7.58 -11.50 -6.98
N PHE A 193 7.50 -10.21 -6.65
CA PHE A 193 7.13 -9.83 -5.29
C PHE A 193 5.76 -10.39 -4.91
N GLN A 194 4.78 -10.26 -5.81
CA GLN A 194 3.42 -10.68 -5.51
C GLN A 194 3.33 -12.20 -5.31
N VAL A 195 3.97 -13.00 -6.15
CA VAL A 195 3.81 -14.45 -5.95
C VAL A 195 4.53 -14.90 -4.69
N GLY A 196 5.70 -14.33 -4.40
CA GLY A 196 6.40 -14.71 -3.17
C GLY A 196 5.61 -14.30 -1.94
N LEU A 197 4.96 -13.14 -1.99
CA LEU A 197 4.11 -12.70 -0.88
C LEU A 197 2.87 -13.58 -0.79
N LYS A 198 2.27 -13.93 -1.94
CA LYS A 198 1.10 -14.79 -1.94
C LYS A 198 1.43 -16.17 -1.37
N LYS A 199 2.62 -16.69 -1.70
CA LYS A 199 3.04 -17.99 -1.21
C LYS A 199 3.25 -18.00 0.30
N LEU A 200 3.39 -16.83 0.91
CA LEU A 200 3.52 -16.76 2.36
C LEU A 200 2.21 -17.14 3.06
N LYS A 201 1.09 -17.02 2.35
CA LYS A 201 -0.24 -17.41 2.85
C LYS A 201 -0.56 -16.73 4.17
N LEU A 202 -0.35 -15.41 4.20
CA LEU A 202 -0.51 -14.64 5.43
C LEU A 202 -1.93 -14.72 5.96
N HIS A 203 -2.06 -14.84 7.28
CA HIS A 203 -3.35 -14.60 7.89
C HIS A 203 -3.73 -13.15 7.67
N GLU A 204 -5.05 -12.88 7.66
CA GLU A 204 -5.52 -11.51 7.58
C GLU A 204 -4.83 -10.64 8.63
N GLU A 205 -4.71 -11.15 9.86
CA GLU A 205 -4.06 -10.40 10.93
C GLU A 205 -2.64 -9.99 10.55
N GLU A 206 -1.90 -10.90 9.92
CA GLU A 206 -0.52 -10.65 9.53
C GLU A 206 -0.44 -9.68 8.37
N HIS A 207 -1.37 -9.80 7.43
CA HIS A 207 -1.40 -8.89 6.29
C HIS A 207 -1.61 -7.45 6.74
N VAL A 208 -2.57 -7.24 7.65
CA VAL A 208 -2.85 -5.86 8.09
C VAL A 208 -1.72 -5.34 8.97
N LEU A 209 -1.07 -6.22 9.77
CA LEU A 209 0.05 -5.78 10.58
C LEU A 209 1.23 -5.34 9.71
N LEU A 210 1.54 -6.12 8.67
CA LEU A 210 2.61 -5.77 7.75
C LEU A 210 2.33 -4.44 7.05
N MET A 211 1.08 -4.20 6.69
CA MET A 211 0.70 -2.91 6.10
C MET A 211 0.95 -1.78 7.09
N ALA A 212 0.51 -1.96 8.35
CA ALA A 212 0.67 -0.92 9.34
C ALA A 212 2.14 -0.72 9.71
N ILE A 213 2.93 -1.80 9.73
CA ILE A 213 4.36 -1.68 10.00
C ILE A 213 5.05 -0.93 8.87
N CYS A 214 4.71 -1.25 7.63
CA CYS A 214 5.25 -0.53 6.48
C CYS A 214 4.93 0.95 6.58
N LEU A 215 3.67 1.28 6.90
CA LEU A 215 3.26 2.69 6.94
C LEU A 215 3.98 3.44 8.06
N LEU A 216 4.23 2.80 9.19
CA LEU A 216 4.82 3.45 10.36
C LEU A 216 6.33 3.34 10.37
N SER A 217 6.96 3.25 9.22
CA SER A 217 8.41 3.21 9.15
C SER A 217 8.96 4.60 9.41
N PRO A 218 9.81 4.79 10.43
CA PRO A 218 10.39 6.11 10.66
C PRO A 218 11.48 6.48 9.66
N ASP A 219 11.99 5.51 8.90
CA ASP A 219 13.12 5.77 8.02
C ASP A 219 12.62 6.11 6.61
N ARG A 220 11.96 7.27 6.53
CA ARG A 220 11.47 7.90 5.32
C ARG A 220 11.94 9.34 5.28
N PRO A 221 12.18 9.89 4.09
CA PRO A 221 12.57 11.30 4.01
C PRO A 221 11.46 12.19 4.55
N GLY A 222 11.84 13.23 5.26
CA GLY A 222 10.90 14.21 5.72
C GLY A 222 10.26 13.98 7.08
N VAL A 223 10.47 12.83 7.72
CA VAL A 223 9.82 12.64 9.02
C VAL A 223 10.67 13.29 10.10
N GLN A 224 9.99 13.84 11.10
CA GLN A 224 10.60 14.64 12.15
C GLN A 224 10.70 13.90 13.48
N ASP A 225 9.59 13.29 13.94
CA ASP A 225 9.59 12.60 15.23
C ASP A 225 9.95 11.13 15.02
N HIS A 226 11.23 10.91 14.70
CA HIS A 226 11.72 9.55 14.48
C HIS A 226 11.48 8.66 15.70
N VAL A 227 11.69 9.17 16.91
CA VAL A 227 11.59 8.32 18.08
C VAL A 227 10.14 7.90 18.33
N ARG A 228 9.18 8.81 18.15
CA ARG A 228 7.78 8.43 18.39
C ARG A 228 7.31 7.42 17.34
N ILE A 229 7.63 7.66 16.07
CA ILE A 229 7.17 6.78 15.01
C ILE A 229 7.82 5.41 15.14
N GLU A 230 9.13 5.38 15.47
CA GLU A 230 9.79 4.10 15.67
C GLU A 230 9.19 3.33 16.85
N ALA A 231 8.85 4.03 17.93
CA ALA A 231 8.23 3.35 19.06
C ALA A 231 6.89 2.74 18.65
N LEU A 232 6.11 3.45 17.84
CA LEU A 232 4.86 2.87 17.34
C LEU A 232 5.14 1.66 16.45
N GLN A 233 6.12 1.77 15.55
CA GLN A 233 6.43 0.64 14.69
C GLN A 233 6.97 -0.54 15.49
N ASP A 234 7.76 -0.27 16.54
CA ASP A 234 8.27 -1.34 17.40
C ASP A 234 7.13 -2.09 18.06
N ARG A 235 6.14 -1.38 18.57
CA ARG A 235 4.99 -2.02 19.19
C ARG A 235 4.29 -2.97 18.22
N LEU A 236 4.16 -2.55 16.96
CA LEU A 236 3.48 -3.38 15.95
C LEU A 236 4.30 -4.61 15.60
N CYS A 237 5.63 -4.46 15.47
CA CYS A 237 6.48 -5.62 15.22
C CYS A 237 6.40 -6.64 16.33
N ASP A 238 6.38 -6.19 17.60
CA ASP A 238 6.24 -7.11 18.72
C ASP A 238 4.92 -7.87 18.64
N VAL A 239 3.84 -7.18 18.28
CA VAL A 239 2.55 -7.84 18.08
C VAL A 239 2.65 -8.90 16.99
N LEU A 240 3.20 -8.53 15.82
CA LEU A 240 3.37 -9.47 14.73
C LEU A 240 4.17 -10.70 15.14
N GLN A 241 5.30 -10.50 15.82
CA GLN A 241 6.14 -11.62 16.23
C GLN A 241 5.40 -12.54 17.18
N ALA A 242 4.70 -11.96 18.16
CA ALA A 242 3.93 -12.77 19.10
C ALA A 242 2.80 -13.50 18.39
N TYR A 243 2.11 -12.82 17.47
CA TYR A 243 1.03 -13.48 16.73
C TYR A 243 1.54 -14.70 15.99
N ILE A 244 2.62 -14.55 15.22
CA ILE A 244 3.14 -15.68 14.44
C ILE A 244 3.54 -16.81 15.37
N ARG A 245 4.07 -16.47 16.55
CA ARG A 245 4.49 -17.50 17.51
C ARG A 245 3.31 -18.33 18.00
N ILE A 246 2.23 -17.67 18.40
CA ILE A 246 1.15 -18.39 19.08
C ILE A 246 0.19 -18.99 18.07
N GLN A 247 -0.16 -18.23 17.04
CA GLN A 247 -1.31 -18.51 16.20
C GLN A 247 -0.98 -19.03 14.81
N HIS A 248 0.28 -18.98 14.38
CA HIS A 248 0.63 -19.41 13.03
C HIS A 248 1.48 -20.67 13.10
N PRO A 249 0.91 -21.85 12.90
CA PRO A 249 1.71 -23.09 12.97
C PRO A 249 2.72 -23.19 11.83
N GLY A 250 3.90 -23.72 12.15
CA GLY A 250 4.99 -23.78 11.19
C GLY A 250 5.50 -22.42 10.74
N GLY A 251 5.38 -21.39 11.57
CA GLY A 251 5.75 -20.04 11.18
C GLY A 251 7.11 -19.63 11.71
N ARG A 252 8.04 -20.59 11.81
CA ARG A 252 9.34 -20.34 12.42
C ARG A 252 10.10 -19.23 11.70
N LEU A 253 10.12 -19.28 10.37
CA LEU A 253 10.84 -18.30 9.57
C LEU A 253 9.94 -17.23 8.97
N LEU A 254 8.67 -17.19 9.35
CA LEU A 254 7.72 -16.30 8.68
C LEU A 254 8.04 -14.84 8.95
N TYR A 255 8.34 -14.48 10.20
CA TYR A 255 8.60 -13.08 10.53
C TYR A 255 9.74 -12.53 9.70
N ALA A 256 10.85 -13.26 9.60
CA ALA A 256 11.98 -12.81 8.80
C ALA A 256 11.60 -12.68 7.33
N LYS A 257 10.77 -13.58 6.81
CA LYS A 257 10.33 -13.46 5.43
C LYS A 257 9.50 -12.21 5.22
N MET A 258 8.69 -11.84 6.21
CA MET A 258 7.87 -10.64 6.06
C MET A 258 8.72 -9.39 6.13
N ILE A 259 9.73 -9.36 7.02
CA ILE A 259 10.63 -8.22 7.06
C ILE A 259 11.39 -8.09 5.75
N GLN A 260 11.85 -9.20 5.19
CA GLN A 260 12.47 -9.17 3.87
C GLN A 260 11.53 -8.56 2.84
N LYS A 261 10.23 -8.87 2.92
CA LYS A 261 9.28 -8.27 1.97
C LYS A 261 9.23 -6.75 2.09
N LEU A 262 9.39 -6.22 3.31
CA LEU A 262 9.45 -4.77 3.44
C LEU A 262 10.67 -4.20 2.74
N ALA A 263 11.77 -4.96 2.72
CA ALA A 263 12.98 -4.53 2.03
C ALA A 263 12.81 -4.59 0.52
N ASP A 264 12.13 -5.61 0.01
CA ASP A 264 11.83 -5.67 -1.42
C ASP A 264 11.01 -4.44 -1.84
N LEU A 265 10.10 -4.01 -0.98
CA LEU A 265 9.20 -2.90 -1.31
C LEU A 265 9.95 -1.59 -1.49
N ARG A 266 11.03 -1.37 -0.76
CA ARG A 266 11.85 -0.16 -0.96
C ARG A 266 12.44 -0.12 -2.36
N SER A 267 12.84 -1.30 -2.88
CA SER A 267 13.38 -1.37 -4.24
C SER A 267 12.29 -1.13 -5.27
N LEU A 268 11.10 -1.71 -5.06
CA LEU A 268 9.97 -1.45 -5.95
C LEU A 268 9.57 0.01 -5.91
N ASN A 269 9.53 0.59 -4.70
CA ASN A 269 9.24 2.01 -4.52
C ASN A 269 10.17 2.88 -5.36
N GLU A 270 11.47 2.57 -5.31
CA GLU A 270 12.48 3.33 -6.05
C GLU A 270 12.24 3.25 -7.54
N GLU A 271 11.98 2.05 -8.05
CA GLU A 271 11.80 1.88 -9.49
C GLU A 271 10.51 2.54 -9.96
N HIS A 272 9.44 2.39 -9.18
CA HIS A 272 8.18 3.04 -9.52
C HIS A 272 8.32 4.56 -9.54
N SER A 273 9.06 5.12 -8.56
CA SER A 273 9.26 6.56 -8.54
C SER A 273 10.01 7.05 -9.77
N LYS A 274 11.01 6.29 -10.22
CA LYS A 274 11.71 6.59 -11.46
C LYS A 274 10.74 6.65 -12.62
N GLN A 275 9.91 5.61 -12.75
CA GLN A 275 9.00 5.53 -13.88
C GLN A 275 7.86 6.53 -13.74
N TYR A 276 7.43 6.81 -12.51
CA TYR A 276 6.39 7.83 -12.33
C TYR A 276 6.90 9.23 -12.70
N ARG A 277 8.16 9.54 -12.37
CA ARG A 277 8.72 10.83 -12.76
C ARG A 277 8.71 10.99 -14.27
N SER A 278 9.21 9.98 -14.99
CA SER A 278 9.25 10.03 -16.46
C SER A 278 7.85 10.24 -17.03
N LEU A 279 6.86 9.56 -16.46
CA LEU A 279 5.47 9.69 -16.87
C LEU A 279 4.95 11.10 -16.62
N SER A 280 5.05 11.55 -15.37
CA SER A 280 4.40 12.77 -14.93
C SER A 280 5.14 14.02 -15.35
N PHE A 281 6.33 13.91 -15.93
CA PHE A 281 6.99 15.08 -16.50
C PHE A 281 6.44 15.44 -17.87
N GLN A 282 5.68 14.54 -18.48
CA GLN A 282 5.10 14.81 -19.80
C GLN A 282 3.67 15.26 -19.60
N PRO A 283 3.33 16.52 -19.88
CA PRO A 283 1.98 17.00 -19.55
C PRO A 283 0.87 16.23 -20.24
N GLU A 284 1.09 15.70 -21.44
CA GLU A 284 0.03 14.92 -22.08
C GLU A 284 -0.31 13.67 -21.28
N HIS A 285 0.62 13.18 -20.44
CA HIS A 285 0.31 12.08 -19.54
C HIS A 285 -0.11 12.55 -18.17
N SER A 286 0.61 13.52 -17.59
CA SER A 286 0.22 13.99 -16.26
C SER A 286 -1.23 14.50 -16.26
N MET A 287 -1.72 15.01 -17.41
CA MET A 287 -3.10 15.46 -17.46
C MET A 287 -4.10 14.32 -17.31
N GLN A 288 -3.68 13.08 -17.50
CA GLN A 288 -4.59 11.96 -17.28
C GLN A 288 -4.61 11.48 -15.83
N LEU A 289 -3.76 12.04 -14.96
CA LEU A 289 -3.73 11.64 -13.56
C LEU A 289 -4.82 12.39 -12.78
N THR A 290 -4.97 12.08 -11.50
CA THR A 290 -5.94 12.78 -10.67
C THR A 290 -5.21 13.76 -9.77
N PRO A 291 -5.92 14.78 -9.27
CA PRO A 291 -5.24 15.70 -8.33
C PRO A 291 -4.66 14.99 -7.11
N LEU A 292 -5.31 13.95 -6.59
CA LEU A 292 -4.79 13.25 -5.41
C LEU A 292 -3.51 12.49 -5.75
N VAL A 293 -3.48 11.79 -6.89
CA VAL A 293 -2.26 11.10 -7.32
C VAL A 293 -1.11 12.11 -7.46
N LEU A 294 -1.38 13.26 -8.09
CA LEU A 294 -0.33 14.25 -8.30
C LEU A 294 0.21 14.78 -6.97
N GLU A 295 -0.67 14.98 -6.00
CA GLU A 295 -0.26 15.47 -4.70
C GLU A 295 0.57 14.41 -3.96
N VAL A 296 0.09 13.19 -3.93
CA VAL A 296 0.69 12.17 -3.05
C VAL A 296 2.00 11.65 -3.67
N PHE A 297 2.00 11.37 -4.96
CA PHE A 297 3.21 10.93 -5.65
C PHE A 297 4.12 12.08 -6.06
N GLY A 298 3.70 13.32 -5.83
CA GLY A 298 4.49 14.49 -6.21
C GLY A 298 5.63 14.75 -5.24
N SER A 299 6.45 15.74 -5.58
CA SER A 299 7.71 15.98 -4.88
C SER A 299 7.64 17.17 -3.92
N GLU A 300 6.50 17.83 -3.78
CA GLU A 300 6.38 18.93 -2.83
C GLU A 300 6.71 18.45 -1.42
N VAL A 301 7.29 19.34 -0.61
CA VAL A 301 7.60 19.05 0.79
C VAL A 301 6.92 20.08 1.67
N SER A 302 6.47 19.64 2.84
CA SER A 302 5.81 20.52 3.81
C SER A 302 6.76 21.58 4.36
N LYS B 1 -0.41 23.96 0.10
CA LYS B 1 0.30 22.74 -0.25
C LYS B 1 -0.34 21.51 0.40
N HIS B 2 -0.43 20.41 -0.34
CA HIS B 2 -1.06 19.18 0.13
C HIS B 2 -2.52 19.40 0.54
N LYS B 3 -3.22 20.19 -0.27
CA LYS B 3 -4.58 20.59 0.01
C LYS B 3 -5.49 19.39 0.24
N ILE B 4 -5.36 18.37 -0.59
CA ILE B 4 -6.29 17.25 -0.51
C ILE B 4 -5.89 16.30 0.61
N LEU B 5 -4.59 16.06 0.80
CA LEU B 5 -4.11 15.21 1.88
C LEU B 5 -4.56 15.74 3.24
N HIS B 6 -4.33 17.04 3.48
CA HIS B 6 -4.74 17.66 4.74
C HIS B 6 -6.22 17.46 5.00
N ARG B 7 -7.05 17.72 3.97
CA ARG B 7 -8.49 17.53 4.13
C ARG B 7 -8.82 16.08 4.50
N LEU B 8 -8.33 15.14 3.71
CA LEU B 8 -8.59 13.72 3.94
C LEU B 8 -8.09 13.25 5.30
N LEU B 9 -7.05 13.88 5.84
CA LEU B 9 -6.52 13.51 7.15
C LEU B 9 -7.34 14.05 8.31
N GLN B 10 -8.28 14.96 8.05
CA GLN B 10 -9.18 15.49 9.06
C GLN B 10 -10.35 14.53 9.29
N ASP B 11 -10.95 14.62 10.48
CA ASP B 11 -12.21 13.95 10.81
C ASP B 11 -12.62 14.30 12.23
#